data_4WUD
#
_entry.id   4WUD
#
_cell.length_a   87.800
_cell.length_b   141.480
_cell.length_c   80.300
_cell.angle_alpha   90.000
_cell.angle_beta   90.000
_cell.angle_gamma   90.000
#
_symmetry.space_group_name_H-M   'C 2 2 21'
#
loop_
_entity.id
_entity.type
_entity.pdbx_description
1 polymer 'DNA gyrase subunit B'
2 non-polymer 'PHOSPHOAMINOPHOSPHONIC ACID-ADENYLATE ESTER'
3 non-polymer 'MAGNESIUM ION'
4 non-polymer 'SODIUM ION'
5 non-polymer 'CHLORIDE ION'
6 water water
#
_entity_poly.entity_id   1
_entity_poly.type   'polypeptide(L)'
_entity_poly.pdbx_seq_one_letter_code
;SNSYDSSSIKVLKGLDAVRKRPGMYIGDTDDGTGLHHMVFEVVDNAIDEALAGHCKEIIVTIHADNSVSVQDDGRGIPTG
IHPEEGVSAAEVIMTVLHAGGKFDDNSYKVSGGLHGVGVSVVNALSQKLELVIQREGKIHRQIYEHGVPQAPLAVTGETE
KTGTMVRFWPSLETFTNVTEFEYEILAKRLRELSFLNSGVSIRLRDKRDGKEDHFHYEGGIKAFVEYLNKNKTPIHPNIF
YFSTEKDGIGVEVALQWNDGFQENIYCFTNNIPQRDGGTHLAGFRAAMTRTLNAYMDKEGYSKKAKVSATGDDAREGLIA
VVSVKVPDPKFSSQTKDKLVSSEVKSAVEQQMNELLAEYLLENPTDAKIVVGKIIDAARAREAARRAREMTR
;
_entity_poly.pdbx_strand_id   A
#
loop_
_chem_comp.id
_chem_comp.type
_chem_comp.name
_chem_comp.formula
ANP non-polymer 'PHOSPHOAMINOPHOSPHONIC ACID-ADENYLATE ESTER' 'C10 H17 N6 O12 P3'
CL non-polymer 'CHLORIDE ION' 'Cl -1'
MG non-polymer 'MAGNESIUM ION' 'Mg 2'
NA non-polymer 'SODIUM ION' 'Na 1'
#
# COMPACT_ATOMS: atom_id res chain seq x y z
N SER A 3 30.43 -6.27 -35.02
CA SER A 3 31.59 -6.53 -34.12
C SER A 3 31.20 -6.39 -32.65
N TYR A 4 31.39 -7.45 -31.87
CA TYR A 4 30.96 -7.44 -30.47
C TYR A 4 32.20 -7.41 -29.58
N ASP A 5 32.42 -6.28 -28.91
CA ASP A 5 33.67 -6.06 -28.15
C ASP A 5 33.44 -5.12 -26.99
N SER A 6 34.49 -4.65 -26.33
CA SER A 6 34.26 -3.84 -25.14
C SER A 6 33.55 -2.50 -25.40
N SER A 7 33.67 -1.96 -26.61
CA SER A 7 32.91 -0.74 -26.91
C SER A 7 31.40 -1.01 -27.04
N SER A 8 31.00 -2.27 -27.26
CA SER A 8 29.56 -2.66 -27.28
C SER A 8 28.93 -2.64 -25.91
N ILE A 9 29.73 -2.65 -24.84
CA ILE A 9 29.20 -2.66 -23.49
C ILE A 9 28.97 -1.22 -23.01
N LYS A 10 27.73 -0.91 -22.61
CA LYS A 10 27.32 0.42 -22.17
C LYS A 10 26.90 0.40 -20.71
N VAL A 11 27.28 1.43 -19.96
CA VAL A 11 26.84 1.59 -18.56
C VAL A 11 25.92 2.79 -18.46
N LEU A 12 24.71 2.56 -17.98
CA LEU A 12 23.73 3.63 -17.85
C LEU A 12 23.89 4.31 -16.50
N LYS A 13 23.99 5.62 -16.51
CA LYS A 13 24.35 6.43 -15.32
C LYS A 13 23.17 7.22 -14.82
N GLY A 14 23.19 7.52 -13.52
CA GLY A 14 22.21 8.45 -12.96
C GLY A 14 20.81 7.87 -13.09
N LEU A 15 19.92 8.56 -13.78
CA LEU A 15 18.56 8.06 -13.94
C LEU A 15 18.28 7.57 -15.36
N ASP A 16 19.31 7.42 -16.16
CA ASP A 16 19.12 6.97 -17.52
C ASP A 16 18.50 5.56 -17.62
N ALA A 17 18.77 4.70 -16.64
CA ALA A 17 18.25 3.35 -16.65
C ALA A 17 16.74 3.34 -16.50
N VAL A 18 16.22 4.30 -15.75
CA VAL A 18 14.81 4.39 -15.46
C VAL A 18 14.03 4.76 -16.71
N ARG A 19 14.53 5.77 -17.42
CA ARG A 19 13.93 6.16 -18.69
C ARG A 19 14.06 5.10 -19.74
N LYS A 20 15.21 4.42 -19.78
CA LYS A 20 15.43 3.35 -20.76
C LYS A 20 14.50 2.13 -20.53
N ARG A 21 14.32 1.74 -19.28
CA ARG A 21 13.54 0.54 -18.93
C ARG A 21 12.50 0.88 -17.86
N PRO A 22 11.50 1.72 -18.20
CA PRO A 22 10.57 2.19 -17.19
C PRO A 22 9.74 1.09 -16.57
N GLY A 23 9.55 0.00 -17.30
CA GLY A 23 8.66 -1.08 -16.84
C GLY A 23 9.12 -1.72 -15.55
N MET A 24 10.42 -1.92 -15.41
CA MET A 24 10.93 -2.50 -14.17
C MET A 24 10.86 -1.52 -12.98
N TYR A 25 10.72 -0.23 -13.23
CA TYR A 25 10.61 0.76 -12.19
C TYR A 25 9.18 1.24 -11.86
N ILE A 26 8.36 1.48 -12.88
CA ILE A 26 7.01 2.04 -12.69
C ILE A 26 5.89 1.11 -13.13
N GLY A 27 6.20 0.04 -13.87
CA GLY A 27 5.17 -0.88 -14.40
C GLY A 27 4.66 -0.45 -15.78
N ASP A 28 3.35 -0.58 -16.02
CA ASP A 28 2.79 -0.39 -17.35
C ASP A 28 2.62 1.10 -17.64
N THR A 29 3.31 1.59 -18.65
CA THR A 29 3.28 3.01 -19.00
C THR A 29 2.18 3.38 -20.01
N ASP A 30 1.29 2.44 -20.34
CA ASP A 30 0.27 2.68 -21.36
C ASP A 30 -1.16 2.59 -20.80
N ASP A 31 -1.40 1.81 -19.75
CA ASP A 31 -2.80 1.57 -19.36
C ASP A 31 -3.26 2.45 -18.19
N GLY A 32 -2.37 3.35 -17.75
CA GLY A 32 -2.67 4.20 -16.61
C GLY A 32 -2.15 3.75 -15.26
N THR A 33 -1.86 2.44 -15.11
CA THR A 33 -1.48 1.93 -13.80
C THR A 33 -0.13 2.47 -13.39
N GLY A 34 0.81 2.54 -14.33
CA GLY A 34 2.10 3.19 -14.04
C GLY A 34 1.95 4.67 -13.74
N LEU A 35 1.11 5.36 -14.51
CA LEU A 35 0.89 6.78 -14.28
C LEU A 35 0.42 7.08 -12.86
N HIS A 36 -0.56 6.32 -12.37
CA HIS A 36 -1.06 6.56 -11.03
C HIS A 36 -0.09 6.09 -9.94
N HIS A 37 0.73 5.10 -10.27
CA HIS A 37 1.77 4.65 -9.37
C HIS A 37 2.77 5.76 -9.05
N MET A 38 3.00 6.65 -9.99
CA MET A 38 3.84 7.83 -9.72
C MET A 38 3.31 8.61 -8.51
N VAL A 39 2.00 8.77 -8.42
CA VAL A 39 1.40 9.48 -7.30
C VAL A 39 1.59 8.66 -6.02
N PHE A 40 1.35 7.35 -6.11
CA PHE A 40 1.34 6.51 -4.93
C PHE A 40 2.74 6.39 -4.34
N GLU A 41 3.80 6.49 -5.15
CA GLU A 41 5.16 6.52 -4.63
C GLU A 41 5.37 7.72 -3.74
N VAL A 42 4.88 8.87 -4.16
CA VAL A 42 5.03 10.10 -3.38
C VAL A 42 4.16 10.06 -2.09
N VAL A 43 2.92 9.62 -2.22
CA VAL A 43 2.02 9.43 -1.10
C VAL A 43 2.61 8.41 -0.07
N ASP A 44 3.17 7.29 -0.53
CA ASP A 44 3.80 6.30 0.35
C ASP A 44 4.90 6.93 1.20
N ASN A 45 5.68 7.85 0.64
CA ASN A 45 6.68 8.53 1.46
C ASN A 45 6.06 9.41 2.56
N ALA A 46 4.90 10.01 2.30
CA ALA A 46 4.22 10.82 3.32
C ALA A 46 3.60 9.92 4.39
N ILE A 47 3.02 8.80 3.95
CA ILE A 47 2.48 7.84 4.87
C ILE A 47 3.57 7.31 5.79
N ASP A 48 4.80 7.15 5.27
CA ASP A 48 5.91 6.65 6.10
C ASP A 48 6.23 7.65 7.21
N GLU A 49 6.13 8.95 6.91
CA GLU A 49 6.28 9.98 7.98
C GLU A 49 5.14 9.87 9.01
N ALA A 50 3.95 9.52 8.54
CA ALA A 50 2.80 9.30 9.43
C ALA A 50 2.99 8.05 10.28
N LEU A 51 3.51 6.98 9.70
CA LEU A 51 3.79 5.76 10.47
C LEU A 51 4.79 6.06 11.57
N ALA A 52 5.76 6.92 11.26
CA ALA A 52 6.80 7.29 12.21
C ALA A 52 6.32 8.24 13.31
N GLY A 53 5.11 8.78 13.17
CA GLY A 53 4.51 9.64 14.19
C GLY A 53 4.62 11.14 13.94
N HIS A 54 5.13 11.54 12.79
CA HIS A 54 5.45 12.93 12.54
C HIS A 54 4.50 13.70 11.61
N CYS A 55 3.63 12.99 10.90
CA CYS A 55 2.75 13.62 9.95
C CYS A 55 1.31 13.35 10.34
N LYS A 56 0.50 14.41 10.43
CA LYS A 56 -0.94 14.26 10.74
C LYS A 56 -1.89 14.70 9.58
N GLU A 57 -1.33 15.26 8.51
CA GLU A 57 -2.15 15.68 7.37
C GLU A 57 -1.44 15.53 6.05
N ILE A 58 -2.16 14.94 5.09
CA ILE A 58 -1.67 14.77 3.73
C ILE A 58 -2.71 15.39 2.78
N ILE A 59 -2.25 16.20 1.84
CA ILE A 59 -3.09 16.80 0.83
C ILE A 59 -2.59 16.42 -0.56
N VAL A 60 -3.46 15.76 -1.29
CA VAL A 60 -3.18 15.39 -2.65
C VAL A 60 -4.05 16.26 -3.57
N THR A 61 -3.39 16.97 -4.47
CA THR A 61 -4.09 17.82 -5.43
C THR A 61 -3.83 17.44 -6.87
N ILE A 62 -4.91 17.28 -7.63
CA ILE A 62 -4.84 17.14 -9.08
C ILE A 62 -5.02 18.51 -9.66
N HIS A 63 -3.99 18.99 -10.33
CA HIS A 63 -3.98 20.33 -10.85
C HIS A 63 -4.56 20.38 -12.27
N ALA A 64 -4.96 21.55 -12.72
CA ALA A 64 -5.65 21.69 -14.01
C ALA A 64 -4.76 21.54 -15.22
N ASP A 65 -3.45 21.49 -15.01
CA ASP A 65 -2.47 21.33 -16.08
C ASP A 65 -2.00 19.88 -16.12
N ASN A 66 -2.73 18.97 -15.48
CA ASN A 66 -2.35 17.55 -15.35
C ASN A 66 -1.04 17.25 -14.58
N SER A 67 -0.75 18.06 -13.57
CA SER A 67 0.25 17.70 -12.60
C SER A 67 -0.50 17.27 -11.35
N VAL A 68 0.24 16.65 -10.45
CA VAL A 68 -0.25 16.26 -9.12
C VAL A 68 0.74 16.72 -8.10
N SER A 69 0.21 17.24 -7.00
CA SER A 69 1.04 17.59 -5.85
C SER A 69 0.63 16.81 -4.61
N VAL A 70 1.60 16.56 -3.76
CA VAL A 70 1.38 15.90 -2.48
C VAL A 70 2.12 16.71 -1.45
N GLN A 71 1.36 17.19 -0.46
CA GLN A 71 1.91 17.95 0.65
CA GLN A 71 1.86 17.99 0.66
C GLN A 71 1.72 17.14 1.92
N ASP A 72 2.74 17.09 2.76
CA ASP A 72 2.63 16.44 4.06
C ASP A 72 3.16 17.41 5.11
N ASP A 73 2.82 17.19 6.38
CA ASP A 73 3.33 18.03 7.47
C ASP A 73 4.25 17.21 8.38
N GLY A 74 5.09 16.39 7.75
CA GLY A 74 6.08 15.58 8.41
C GLY A 74 7.36 16.36 8.71
N ARG A 75 8.47 15.64 8.80
CA ARG A 75 9.73 16.20 9.23
C ARG A 75 10.42 17.01 8.13
N GLY A 76 10.07 16.75 6.88
CA GLY A 76 10.81 17.36 5.77
C GLY A 76 12.01 16.53 5.32
N ILE A 77 12.17 16.40 4.01
CA ILE A 77 13.33 15.76 3.41
C ILE A 77 14.57 16.54 3.84
N PRO A 78 15.59 15.86 4.40
CA PRO A 78 16.80 16.55 4.85
C PRO A 78 17.43 17.41 3.77
N THR A 79 17.95 18.57 4.17
CA THR A 79 18.45 19.57 3.23
C THR A 79 19.95 19.78 3.29
N GLY A 80 20.59 19.44 4.42
CA GLY A 80 22.04 19.63 4.61
C GLY A 80 22.86 18.93 3.54
N ILE A 81 24.04 19.43 3.32
CA ILE A 81 24.90 18.90 2.28
C ILE A 81 25.29 17.47 2.65
N HIS A 82 25.18 16.59 1.69
CA HIS A 82 25.61 15.22 1.84
C HIS A 82 27.11 15.22 1.49
N PRO A 83 27.97 14.93 2.48
CA PRO A 83 29.40 15.21 2.27
C PRO A 83 30.03 14.40 1.14
N GLU A 84 29.72 13.11 1.03
CA GLU A 84 30.28 12.24 0.01
C GLU A 84 29.96 12.73 -1.41
N GLU A 85 28.71 13.14 -1.64
CA GLU A 85 28.26 13.51 -2.99
C GLU A 85 28.40 15.03 -3.19
N GLY A 86 28.43 15.78 -2.10
CA GLY A 86 28.68 17.21 -2.17
C GLY A 86 27.51 18.09 -2.53
N VAL A 87 26.30 17.53 -2.60
CA VAL A 87 25.09 18.31 -2.81
C VAL A 87 24.12 17.98 -1.70
N SER A 88 23.01 18.71 -1.65
CA SER A 88 22.02 18.53 -0.59
C SER A 88 21.51 17.09 -0.59
N ALA A 89 21.25 16.56 0.60
CA ALA A 89 20.70 15.20 0.72
C ALA A 89 19.44 15.09 -0.10
N ALA A 90 18.64 16.17 -0.18
CA ALA A 90 17.41 16.12 -1.00
C ALA A 90 17.75 15.82 -2.45
N GLU A 91 18.78 16.45 -2.99
CA GLU A 91 19.14 16.23 -4.40
C GLU A 91 19.69 14.80 -4.64
N VAL A 92 20.45 14.28 -3.69
CA VAL A 92 20.90 12.89 -3.77
C VAL A 92 19.70 11.98 -3.86
N ILE A 93 18.73 12.20 -2.98
CA ILE A 93 17.46 11.45 -2.97
C ILE A 93 16.72 11.50 -4.30
N MET A 94 16.70 12.67 -4.96
CA MET A 94 15.93 12.84 -6.19
C MET A 94 16.70 12.31 -7.40
N THR A 95 18.03 12.19 -7.33
CA THR A 95 18.83 11.88 -8.52
C THR A 95 19.64 10.55 -8.47
N VAL A 96 19.58 9.81 -7.35
CA VAL A 96 20.43 8.62 -7.17
C VAL A 96 19.53 7.44 -6.78
N LEU A 97 19.62 6.34 -7.54
CA LEU A 97 18.97 5.08 -7.23
C LEU A 97 19.61 4.40 -6.02
N HIS A 98 18.80 3.75 -5.18
CA HIS A 98 19.24 3.11 -3.97
C HIS A 98 19.89 4.08 -3.01
N ALA A 99 19.15 5.15 -2.72
CA ALA A 99 19.54 6.18 -1.77
C ALA A 99 18.37 6.57 -0.88
N GLY A 100 18.58 6.58 0.43
CA GLY A 100 17.53 6.98 1.35
C GLY A 100 17.78 6.65 2.79
N GLY A 101 16.73 6.84 3.60
CA GLY A 101 16.79 6.72 5.04
C GLY A 101 16.09 5.54 5.64
N LYS A 102 15.70 4.61 4.78
CA LYS A 102 14.97 3.42 5.19
C LYS A 102 15.78 2.11 5.04
N PHE A 103 17.11 2.21 4.93
CA PHE A 103 17.95 1.02 4.95
C PHE A 103 18.32 0.50 6.36
N ASP A 104 17.92 1.23 7.40
CA ASP A 104 18.04 0.78 8.78
C ASP A 104 16.74 1.20 9.44
N ASP A 105 16.62 1.08 10.75
CA ASP A 105 15.36 1.45 11.41
C ASP A 105 15.47 2.70 12.32
N ASN A 106 16.54 3.49 12.14
CA ASN A 106 16.77 4.69 12.97
C ASN A 106 15.85 5.89 12.69
N SER A 107 15.50 6.10 11.42
CA SER A 107 14.66 7.23 11.02
C SER A 107 13.20 6.83 10.88
N TYR A 108 12.96 5.59 10.43
CA TYR A 108 11.61 5.02 10.31
C TYR A 108 11.65 3.60 10.85
N LYS A 109 11.02 3.36 12.01
CA LYS A 109 11.01 2.04 12.60
C LYS A 109 10.43 1.04 11.59
N VAL A 110 9.27 1.42 11.07
CA VAL A 110 8.55 0.61 10.07
C VAL A 110 8.18 1.51 8.88
N SER A 111 8.43 1.05 7.66
CA SER A 111 8.11 1.88 6.48
C SER A 111 7.75 1.03 5.27
N GLY A 112 6.84 1.54 4.46
CA GLY A 112 6.48 0.94 3.17
C GLY A 112 7.68 1.01 2.23
N GLY A 113 8.39 2.13 2.31
CA GLY A 113 9.63 2.30 1.61
C GLY A 113 10.73 1.36 2.06
N LEU A 114 11.51 0.88 1.11
CA LEU A 114 12.69 0.10 1.44
C LEU A 114 13.78 0.03 0.38
N HIS A 115 13.47 0.32 -0.89
CA HIS A 115 14.45 0.23 -1.96
C HIS A 115 15.37 1.45 -2.21
N GLY A 116 14.98 2.62 -1.74
CA GLY A 116 15.66 3.87 -2.06
C GLY A 116 15.52 4.33 -3.50
N VAL A 117 14.41 4.00 -4.12
CA VAL A 117 14.24 4.23 -5.56
C VAL A 117 13.01 5.11 -5.92
N GLY A 118 11.94 5.03 -5.12
CA GLY A 118 10.63 5.55 -5.49
C GLY A 118 10.54 6.96 -6.06
N VAL A 119 10.99 7.96 -5.30
CA VAL A 119 10.82 9.33 -5.74
C VAL A 119 11.86 9.70 -6.81
N SER A 120 13.00 9.02 -6.81
CA SER A 120 13.94 9.15 -7.93
C SER A 120 13.32 8.64 -9.25
N VAL A 121 12.45 7.65 -9.19
CA VAL A 121 11.75 7.17 -10.39
C VAL A 121 10.76 8.22 -10.87
N VAL A 122 9.97 8.77 -9.95
CA VAL A 122 9.02 9.83 -10.24
C VAL A 122 9.74 11.01 -10.93
N ASN A 123 10.86 11.40 -10.36
CA ASN A 123 11.64 12.46 -10.92
C ASN A 123 12.13 12.13 -12.35
N ALA A 124 12.70 10.94 -12.52
CA ALA A 124 13.29 10.53 -13.79
C ALA A 124 12.26 10.54 -14.95
N LEU A 125 11.03 10.18 -14.61
CA LEU A 125 9.94 10.05 -15.55
C LEU A 125 8.99 11.26 -15.58
N SER A 126 9.42 12.39 -15.01
CA SER A 126 8.65 13.61 -15.03
C SER A 126 9.35 14.66 -15.90
N GLN A 127 8.59 15.26 -16.81
CA GLN A 127 9.06 16.43 -17.57
C GLN A 127 9.50 17.54 -16.62
N LYS A 128 8.82 17.69 -15.50
CA LYS A 128 9.20 18.67 -14.50
C LYS A 128 8.78 18.18 -13.13
N LEU A 129 9.59 18.53 -12.13
CA LEU A 129 9.27 18.25 -10.72
C LEU A 129 9.65 19.43 -9.86
N GLU A 130 8.74 19.80 -8.97
CA GLU A 130 8.95 20.90 -8.04
C GLU A 130 8.98 20.32 -6.65
N LEU A 131 10.02 20.67 -5.91
CA LEU A 131 10.23 20.23 -4.54
C LEU A 131 10.28 21.44 -3.60
N VAL A 132 9.41 21.43 -2.59
CA VAL A 132 9.42 22.44 -1.54
C VAL A 132 9.48 21.81 -0.16
N ILE A 133 10.50 22.16 0.61
CA ILE A 133 10.76 21.54 1.90
C ILE A 133 10.77 22.56 3.02
N GLN A 134 9.99 22.31 4.06
CA GLN A 134 9.92 23.21 5.21
C GLN A 134 10.61 22.52 6.37
N ARG A 135 11.70 23.11 6.82
CA ARG A 135 12.56 22.47 7.78
C ARG A 135 13.56 23.42 8.43
N GLU A 136 13.72 23.30 9.75
CA GLU A 136 14.68 24.10 10.55
C GLU A 136 14.45 25.60 10.38
N GLY A 137 13.18 26.01 10.38
CA GLY A 137 12.81 27.43 10.31
C GLY A 137 12.80 28.01 8.90
N LYS A 138 13.08 27.18 7.89
CA LYS A 138 13.34 27.68 6.55
C LYS A 138 12.56 26.95 5.46
N ILE A 139 12.30 27.64 4.34
CA ILE A 139 11.68 27.05 3.17
C ILE A 139 12.77 26.83 2.13
N HIS A 140 12.83 25.61 1.58
CA HIS A 140 13.81 25.26 0.58
C HIS A 140 13.10 24.86 -0.71
N ARG A 141 13.65 25.26 -1.83
CA ARG A 141 13.01 24.95 -3.10
C ARG A 141 13.99 24.51 -4.17
N GLN A 142 13.52 23.60 -5.02
CA GLN A 142 14.29 23.16 -6.18
C GLN A 142 13.38 22.62 -7.28
N ILE A 143 13.83 22.86 -8.51
CA ILE A 143 13.11 22.48 -9.70
C ILE A 143 13.98 21.50 -10.46
N TYR A 144 13.34 20.47 -11.00
CA TYR A 144 14.00 19.51 -11.87
C TYR A 144 13.28 19.47 -13.21
N GLU A 145 14.03 19.19 -14.27
CA GLU A 145 13.46 18.91 -15.60
C GLU A 145 14.04 17.61 -16.13
N HIS A 146 13.16 16.64 -16.39
CA HIS A 146 13.59 15.28 -16.78
C HIS A 146 14.67 14.72 -15.85
N GLY A 147 14.51 15.00 -14.56
CA GLY A 147 15.40 14.47 -13.56
C GLY A 147 16.64 15.30 -13.28
N VAL A 148 16.82 16.36 -14.06
CA VAL A 148 18.03 17.22 -13.98
C VAL A 148 17.74 18.48 -13.15
N PRO A 149 18.48 18.69 -12.04
CA PRO A 149 18.24 19.86 -11.22
C PRO A 149 18.64 21.12 -11.99
N GLN A 150 17.81 22.16 -11.91
CA GLN A 150 18.05 23.40 -12.66
C GLN A 150 19.01 24.29 -11.91
N ALA A 151 18.94 24.22 -10.58
CA ALA A 151 19.81 24.96 -9.70
C ALA A 151 19.89 24.17 -8.41
N PRO A 152 20.93 24.45 -7.58
CA PRO A 152 21.01 23.73 -6.30
C PRO A 152 19.85 24.12 -5.39
N LEU A 153 19.45 23.22 -4.50
CA LEU A 153 18.41 23.50 -3.53
C LEU A 153 18.72 24.84 -2.84
N ALA A 154 17.71 25.73 -2.78
CA ALA A 154 17.90 27.08 -2.22
C ALA A 154 16.87 27.43 -1.14
N VAL A 155 17.30 28.19 -0.13
CA VAL A 155 16.38 28.79 0.86
C VAL A 155 15.62 29.94 0.21
N THR A 156 14.29 29.94 0.34
CA THR A 156 13.45 31.03 -0.20
C THR A 156 12.72 31.87 0.85
N GLY A 157 12.82 31.52 2.13
CA GLY A 157 12.13 32.27 3.19
C GLY A 157 12.09 31.56 4.53
N GLU A 158 11.22 32.02 5.42
CA GLU A 158 11.10 31.47 6.78
C GLU A 158 9.72 30.86 7.06
N THR A 159 9.68 29.94 8.02
CA THR A 159 8.45 29.23 8.35
C THR A 159 8.49 28.63 9.76
N GLU A 160 7.33 28.56 10.40
CA GLU A 160 7.18 27.82 11.68
C GLU A 160 6.91 26.33 11.43
N LYS A 161 6.68 25.96 10.18
CA LYS A 161 6.19 24.62 9.86
C LYS A 161 7.25 23.64 9.36
N THR A 162 6.90 22.37 9.36
CA THR A 162 7.73 21.34 8.76
C THR A 162 6.87 20.51 7.80
N GLY A 163 7.46 20.07 6.70
CA GLY A 163 6.76 19.25 5.73
C GLY A 163 7.47 19.19 4.41
N THR A 164 6.94 18.37 3.52
CA THR A 164 7.50 18.23 2.18
C THR A 164 6.35 18.37 1.22
N MET A 165 6.59 19.08 0.12
CA MET A 165 5.64 19.19 -0.98
C MET A 165 6.34 18.79 -2.28
N VAL A 166 5.77 17.84 -2.98
CA VAL A 166 6.29 17.44 -4.28
C VAL A 166 5.18 17.61 -5.30
N ARG A 167 5.47 18.37 -6.35
CA ARG A 167 4.57 18.48 -7.50
C ARG A 167 5.29 18.00 -8.77
N PHE A 168 4.67 17.12 -9.54
CA PHE A 168 5.31 16.61 -10.73
C PHE A 168 4.36 16.61 -11.92
N TRP A 169 4.95 16.82 -13.08
CA TRP A 169 4.31 16.75 -14.41
C TRP A 169 4.93 15.55 -15.17
N PRO A 170 4.15 14.48 -15.36
CA PRO A 170 4.68 13.26 -15.99
C PRO A 170 5.07 13.44 -17.45
N SER A 171 6.17 12.79 -17.86
CA SER A 171 6.69 12.92 -19.22
C SER A 171 5.88 12.09 -20.17
N LEU A 172 5.37 12.74 -21.21
CA LEU A 172 4.70 12.05 -22.30
C LEU A 172 5.66 11.36 -23.26
N GLU A 173 6.96 11.57 -23.09
CA GLU A 173 7.90 10.71 -23.79
C GLU A 173 7.92 9.30 -23.19
N THR A 174 7.36 9.12 -21.99
CA THR A 174 7.31 7.81 -21.33
C THR A 174 5.88 7.27 -21.28
N PHE A 175 4.94 8.10 -20.87
CA PHE A 175 3.57 7.64 -20.64
C PHE A 175 2.73 7.87 -21.88
N THR A 176 1.94 6.86 -22.23
CA THR A 176 1.12 6.90 -23.44
C THR A 176 -0.30 6.44 -23.13
N ASN A 177 -1.20 6.79 -24.04
CA ASN A 177 -2.61 6.38 -23.98
C ASN A 177 -3.36 7.01 -22.77
N VAL A 178 -3.27 6.42 -21.59
CA VAL A 178 -3.86 7.05 -20.42
C VAL A 178 -2.85 8.03 -19.84
N THR A 179 -3.08 9.30 -20.11
CA THR A 179 -2.16 10.36 -19.70
C THR A 179 -2.75 11.36 -18.71
N GLU A 180 -4.03 11.24 -18.36
CA GLU A 180 -4.66 12.11 -17.35
C GLU A 180 -4.99 11.31 -16.09
N PHE A 181 -4.96 11.99 -14.94
CA PHE A 181 -5.23 11.36 -13.67
C PHE A 181 -6.72 11.18 -13.46
N GLU A 182 -7.07 10.05 -12.87
CA GLU A 182 -8.47 9.66 -12.66
C GLU A 182 -8.73 9.79 -11.15
N TYR A 183 -9.62 10.71 -10.81
CA TYR A 183 -9.96 11.00 -9.42
C TYR A 183 -10.21 9.73 -8.60
N GLU A 184 -11.03 8.84 -9.14
CA GLU A 184 -11.50 7.69 -8.37
C GLU A 184 -10.40 6.68 -8.07
N ILE A 185 -9.38 6.58 -8.94
CA ILE A 185 -8.24 5.71 -8.67
C ILE A 185 -7.48 6.20 -7.45
N LEU A 186 -7.22 7.50 -7.40
CA LEU A 186 -6.56 8.10 -6.27
C LEU A 186 -7.42 8.03 -5.00
N ALA A 187 -8.72 8.28 -5.12
CA ALA A 187 -9.59 8.34 -3.96
C ALA A 187 -9.67 6.98 -3.28
N LYS A 188 -9.76 5.91 -4.08
CA LYS A 188 -9.86 4.55 -3.55
C LYS A 188 -8.66 4.24 -2.65
N ARG A 189 -7.48 4.55 -3.13
CA ARG A 189 -6.29 4.28 -2.40
C ARG A 189 -6.17 5.16 -1.16
N LEU A 190 -6.53 6.44 -1.28
CA LEU A 190 -6.48 7.37 -0.17
C LEU A 190 -7.53 7.00 0.93
N ARG A 191 -8.70 6.51 0.55
CA ARG A 191 -9.71 6.11 1.51
C ARG A 191 -9.18 4.92 2.31
N GLU A 192 -8.53 4.00 1.62
CA GLU A 192 -8.00 2.81 2.28
C GLU A 192 -6.85 3.18 3.23
N LEU A 193 -5.99 4.11 2.80
CA LEU A 193 -4.95 4.62 3.68
C LEU A 193 -5.47 5.35 4.93
N SER A 194 -6.63 6.00 4.83
CA SER A 194 -7.25 6.60 5.99
C SER A 194 -7.69 5.55 7.02
N PHE A 195 -8.30 4.47 6.53
CA PHE A 195 -8.65 3.36 7.38
C PHE A 195 -7.40 2.75 8.06
N LEU A 196 -6.32 2.60 7.29
CA LEU A 196 -5.06 2.02 7.80
C LEU A 196 -4.26 2.95 8.71
N ASN A 197 -4.58 4.24 8.71
CA ASN A 197 -3.83 5.24 9.46
C ASN A 197 -4.79 6.16 10.23
N SER A 198 -5.37 5.65 11.30
CA SER A 198 -6.25 6.45 12.14
CA SER A 198 -6.26 6.44 12.16
C SER A 198 -5.51 7.66 12.71
N GLY A 199 -6.20 8.78 12.81
CA GLY A 199 -5.58 10.02 13.27
C GLY A 199 -4.91 10.87 12.18
N VAL A 200 -4.82 10.36 10.94
CA VAL A 200 -4.19 11.11 9.87
C VAL A 200 -5.25 11.61 8.89
N SER A 201 -5.33 12.92 8.74
CA SER A 201 -6.26 13.57 7.81
C SER A 201 -5.70 13.49 6.38
N ILE A 202 -6.48 12.89 5.48
CA ILE A 202 -6.06 12.79 4.10
C ILE A 202 -7.06 13.55 3.24
N ARG A 203 -6.59 14.56 2.52
CA ARG A 203 -7.47 15.31 1.65
C ARG A 203 -7.13 15.08 0.18
N LEU A 204 -8.15 15.05 -0.66
CA LEU A 204 -7.97 14.97 -2.08
C LEU A 204 -8.74 16.11 -2.73
N ARG A 205 -8.06 16.87 -3.59
CA ARG A 205 -8.70 17.97 -4.30
C ARG A 205 -8.42 17.93 -5.81
N ASP A 206 -9.45 18.12 -6.58
CA ASP A 206 -9.36 18.12 -8.04
C ASP A 206 -9.66 19.56 -8.48
N LYS A 207 -8.63 20.25 -8.95
CA LYS A 207 -8.78 21.62 -9.42
C LYS A 207 -9.37 21.69 -10.82
N ARG A 208 -9.52 20.56 -11.50
CA ARG A 208 -10.22 20.57 -12.79
C ARG A 208 -11.70 20.89 -12.62
N ASP A 209 -12.33 20.32 -11.59
CA ASP A 209 -13.77 20.45 -11.42
C ASP A 209 -14.24 20.87 -10.03
N GLY A 210 -13.33 21.14 -9.12
CA GLY A 210 -13.71 21.57 -7.77
C GLY A 210 -14.07 20.43 -6.81
N LYS A 211 -13.93 19.19 -7.24
CA LYS A 211 -14.31 18.05 -6.41
C LYS A 211 -13.32 17.91 -5.27
N GLU A 212 -13.79 17.57 -4.09
CA GLU A 212 -12.86 17.23 -3.02
C GLU A 212 -13.38 16.21 -2.01
N ASP A 213 -12.44 15.57 -1.33
CA ASP A 213 -12.77 14.62 -0.30
C ASP A 213 -11.87 14.89 0.88
N HIS A 214 -12.37 14.53 2.07
CA HIS A 214 -11.57 14.55 3.28
C HIS A 214 -11.79 13.23 3.97
N PHE A 215 -10.76 12.41 4.02
CA PHE A 215 -10.86 11.09 4.61
C PHE A 215 -10.21 11.15 5.99
N HIS A 216 -10.98 10.80 7.02
CA HIS A 216 -10.44 10.70 8.37
C HIS A 216 -11.25 9.69 9.16
N TYR A 217 -11.34 8.46 8.66
CA TYR A 217 -12.14 7.45 9.34
C TYR A 217 -11.52 7.05 10.69
N GLU A 218 -12.36 6.79 11.66
CA GLU A 218 -11.84 6.14 12.83
C GLU A 218 -12.34 4.72 12.81
N GLY A 219 -11.72 3.89 13.61
CA GLY A 219 -12.16 2.53 13.77
C GLY A 219 -11.27 1.58 13.04
N GLY A 220 -10.38 2.11 12.21
CA GLY A 220 -9.34 1.30 11.63
C GLY A 220 -9.85 0.20 10.71
N ILE A 221 -9.12 -0.90 10.65
CA ILE A 221 -9.45 -1.94 9.66
C ILE A 221 -10.75 -2.68 9.95
N LYS A 222 -11.19 -2.67 11.20
CA LYS A 222 -12.49 -3.20 11.57
C LYS A 222 -13.55 -2.36 10.88
N ALA A 223 -13.37 -1.03 10.87
CA ALA A 223 -14.31 -0.16 10.20
C ALA A 223 -14.21 -0.30 8.69
N PHE A 224 -13.01 -0.58 8.21
CA PHE A 224 -12.78 -0.85 6.80
C PHE A 224 -13.62 -2.04 6.34
N VAL A 225 -13.66 -3.08 7.16
CA VAL A 225 -14.50 -4.24 6.83
C VAL A 225 -15.99 -3.88 6.80
N GLU A 226 -16.47 -3.10 7.78
CA GLU A 226 -17.84 -2.54 7.75
C GLU A 226 -18.13 -1.78 6.47
N TYR A 227 -17.22 -0.88 6.11
CA TYR A 227 -17.35 -0.12 4.87
C TYR A 227 -17.50 -1.04 3.64
N LEU A 228 -16.68 -2.08 3.57
CA LEU A 228 -16.66 -2.98 2.43
C LEU A 228 -17.91 -3.85 2.37
N ASN A 229 -18.56 -4.09 3.50
CA ASN A 229 -19.84 -4.81 3.53
C ASN A 229 -21.06 -3.86 3.48
N LYS A 230 -20.82 -2.56 3.39
CA LYS A 230 -21.89 -1.54 3.46
C LYS A 230 -23.05 -1.86 2.54
N ASN A 231 -22.75 -2.03 1.25
CA ASN A 231 -23.78 -2.31 0.26
C ASN A 231 -23.97 -3.82 0.05
N LYS A 232 -23.48 -4.63 0.99
CA LYS A 232 -23.75 -6.08 0.98
C LYS A 232 -24.57 -6.46 2.23
N THR A 233 -24.72 -7.75 2.50
CA THR A 233 -25.51 -8.23 3.64
C THR A 233 -24.71 -9.20 4.50
N PRO A 234 -24.02 -8.66 5.52
CA PRO A 234 -23.32 -9.52 6.49
C PRO A 234 -24.27 -10.53 7.11
N ILE A 235 -23.78 -11.75 7.33
CA ILE A 235 -24.62 -12.79 7.85
C ILE A 235 -24.45 -12.99 9.35
N HIS A 236 -23.45 -12.38 9.94
CA HIS A 236 -23.25 -12.45 11.38
C HIS A 236 -22.78 -11.07 11.81
N PRO A 237 -23.18 -10.65 13.04
CA PRO A 237 -23.03 -9.26 13.46
C PRO A 237 -21.63 -8.88 13.97
N ASN A 238 -20.86 -9.85 14.45
CA ASN A 238 -19.59 -9.58 15.12
C ASN A 238 -18.39 -9.79 14.21
N ILE A 239 -17.78 -8.68 13.82
CA ILE A 239 -16.57 -8.69 13.02
C ILE A 239 -15.42 -9.23 13.86
N PHE A 240 -14.68 -10.21 13.35
CA PHE A 240 -13.51 -10.74 14.03
C PHE A 240 -12.38 -9.74 13.86
N TYR A 241 -11.68 -9.40 14.93
CA TYR A 241 -10.59 -8.43 14.85
C TYR A 241 -9.51 -8.71 15.93
N PHE A 242 -8.25 -8.55 15.55
CA PHE A 242 -7.20 -8.43 16.54
C PHE A 242 -6.07 -7.63 15.97
N SER A 243 -5.23 -7.12 16.86
CA SER A 243 -3.96 -6.52 16.52
C SER A 243 -2.92 -6.95 17.56
N THR A 244 -1.81 -7.55 17.12
CA THR A 244 -0.79 -8.03 18.06
C THR A 244 0.56 -7.66 17.48
N GLU A 245 1.57 -7.67 18.32
CA GLU A 245 2.95 -7.45 17.90
C GLU A 245 3.77 -8.49 18.69
N LYS A 246 4.21 -9.53 17.98
CA LYS A 246 4.94 -10.67 18.55
C LYS A 246 6.12 -10.93 17.64
N ASP A 247 7.28 -11.16 18.25
CA ASP A 247 8.47 -11.63 17.52
C ASP A 247 8.88 -10.63 16.43
N GLY A 248 8.86 -9.35 16.76
CA GLY A 248 9.20 -8.30 15.82
C GLY A 248 8.17 -7.99 14.74
N ILE A 249 7.03 -8.68 14.71
CA ILE A 249 6.09 -8.54 13.60
C ILE A 249 4.68 -8.17 14.08
N GLY A 250 4.13 -7.09 13.52
CA GLY A 250 2.75 -6.69 13.79
C GLY A 250 1.80 -7.39 12.88
N VAL A 251 0.76 -7.98 13.44
CA VAL A 251 -0.25 -8.61 12.63
C VAL A 251 -1.62 -8.09 13.07
N GLU A 252 -2.40 -7.61 12.12
CA GLU A 252 -3.71 -7.03 12.40
C GLU A 252 -4.65 -7.63 11.37
N VAL A 253 -5.76 -8.21 11.80
CA VAL A 253 -6.69 -8.86 10.89
C VAL A 253 -8.10 -8.48 11.26
N ALA A 254 -8.95 -8.23 10.27
CA ALA A 254 -10.40 -8.10 10.50
C ALA A 254 -11.10 -8.89 9.45
N LEU A 255 -12.24 -9.49 9.79
CA LEU A 255 -13.01 -10.20 8.77
C LEU A 255 -14.45 -10.39 9.16
N GLN A 256 -15.27 -10.62 8.14
CA GLN A 256 -16.70 -10.87 8.32
C GLN A 256 -17.24 -11.53 7.07
N TRP A 257 -18.14 -12.50 7.21
CA TRP A 257 -18.81 -13.13 6.06
C TRP A 257 -20.10 -12.41 5.69
N ASN A 258 -20.38 -12.36 4.39
CA ASN A 258 -21.66 -11.86 3.89
C ASN A 258 -22.37 -12.97 3.14
N ASP A 259 -23.59 -12.70 2.67
CA ASP A 259 -24.41 -13.78 2.05
C ASP A 259 -24.18 -13.91 0.56
N GLY A 260 -23.17 -13.20 0.05
CA GLY A 260 -22.80 -13.32 -1.34
C GLY A 260 -21.84 -14.47 -1.50
N PHE A 261 -21.28 -14.54 -2.70
CA PHE A 261 -20.53 -15.70 -3.15
C PHE A 261 -19.10 -15.38 -3.61
N GLN A 262 -18.66 -14.14 -3.40
CA GLN A 262 -17.32 -13.73 -3.75
C GLN A 262 -16.45 -13.70 -2.50
N GLU A 263 -15.13 -13.82 -2.72
CA GLU A 263 -14.11 -13.69 -1.68
C GLU A 263 -13.28 -12.46 -1.99
N ASN A 264 -13.09 -11.59 -1.01
CA ASN A 264 -12.29 -10.38 -1.19
C ASN A 264 -11.40 -10.23 0.01
N ILE A 265 -10.14 -10.60 -0.16
CA ILE A 265 -9.16 -10.46 0.89
C ILE A 265 -8.19 -9.35 0.44
N TYR A 266 -7.96 -8.37 1.31
CA TYR A 266 -7.07 -7.24 1.05
C TYR A 266 -5.85 -7.40 1.94
N CYS A 267 -4.67 -7.52 1.35
CA CYS A 267 -3.44 -7.69 2.12
C CYS A 267 -2.57 -6.48 1.98
N PHE A 268 -1.92 -6.12 3.07
CA PHE A 268 -1.07 -4.94 3.14
C PHE A 268 0.16 -5.26 3.98
N THR A 269 1.27 -4.65 3.60
CA THR A 269 2.51 -4.76 4.34
C THR A 269 3.01 -3.34 4.49
N ASN A 270 3.17 -2.90 5.73
CA ASN A 270 3.54 -1.53 6.04
C ASN A 270 2.70 -0.52 5.22
N ASN A 271 1.39 -0.81 5.12
CA ASN A 271 0.39 0.00 4.41
C ASN A 271 0.42 -0.02 2.87
N ILE A 272 1.29 -0.83 2.27
CA ILE A 272 1.35 -1.00 0.84
C ILE A 272 0.57 -2.24 0.43
N PRO A 273 -0.35 -2.10 -0.53
CA PRO A 273 -1.16 -3.25 -0.88
C PRO A 273 -0.38 -4.26 -1.68
N GLN A 274 -0.71 -5.53 -1.51
CA GLN A 274 -0.22 -6.57 -2.39
C GLN A 274 -1.38 -7.12 -3.21
N ARG A 275 -1.53 -6.60 -4.43
CA ARG A 275 -2.50 -7.08 -5.41
C ARG A 275 -2.36 -8.56 -5.69
N ASP A 276 -1.12 -9.04 -5.68
CA ASP A 276 -0.83 -10.42 -6.02
C ASP A 276 -0.55 -11.26 -4.78
N GLY A 277 -1.01 -10.81 -3.64
CA GLY A 277 -0.94 -11.58 -2.42
C GLY A 277 0.46 -11.77 -1.83
N GLY A 278 0.71 -12.99 -1.39
CA GLY A 278 2.03 -13.36 -0.88
C GLY A 278 1.96 -14.20 0.36
N THR A 279 3.03 -14.16 1.15
CA THR A 279 3.19 -14.98 2.35
C THR A 279 2.22 -14.65 3.50
N HIS A 280 1.82 -13.39 3.60
CA HIS A 280 0.77 -13.03 4.56
C HIS A 280 -0.60 -13.64 4.23
N LEU A 281 -1.02 -13.56 2.96
CA LEU A 281 -2.23 -14.24 2.48
C LEU A 281 -2.14 -15.74 2.63
N ALA A 282 -0.99 -16.34 2.28
CA ALA A 282 -0.80 -17.80 2.45
C ALA A 282 -0.98 -18.20 3.92
N GLY A 283 -0.47 -17.40 4.85
CA GLY A 283 -0.59 -17.71 6.27
C GLY A 283 -2.02 -17.53 6.80
N PHE A 284 -2.70 -16.51 6.28
CA PHE A 284 -4.10 -16.26 6.60
C PHE A 284 -4.98 -17.43 6.16
N ARG A 285 -4.81 -17.84 4.91
CA ARG A 285 -5.61 -19.00 4.39
C ARG A 285 -5.34 -20.28 5.14
N ALA A 286 -4.07 -20.52 5.47
CA ALA A 286 -3.69 -21.74 6.18
C ALA A 286 -4.29 -21.82 7.60
N ALA A 287 -4.29 -20.71 8.32
CA ALA A 287 -4.89 -20.68 9.66
C ALA A 287 -6.43 -20.74 9.62
N MET A 288 -7.06 -20.10 8.66
CA MET A 288 -8.50 -20.20 8.53
C MET A 288 -8.95 -21.64 8.30
N THR A 289 -8.35 -22.31 7.31
CA THR A 289 -8.65 -23.69 7.03
C THR A 289 -8.44 -24.56 8.28
N ARG A 290 -7.27 -24.49 8.90
CA ARG A 290 -7.02 -25.27 10.12
C ARG A 290 -8.05 -25.01 11.21
N THR A 291 -8.21 -23.74 11.58
CA THR A 291 -9.04 -23.36 12.74
C THR A 291 -10.51 -23.70 12.59
N LEU A 292 -11.06 -23.48 11.40
CA LEU A 292 -12.42 -23.85 11.12
C LEU A 292 -12.64 -25.37 11.14
N ASN A 293 -11.73 -26.13 10.52
CA ASN A 293 -11.82 -27.60 10.51
C ASN A 293 -11.75 -28.17 11.91
N ALA A 294 -10.89 -27.61 12.76
CA ALA A 294 -10.75 -28.02 14.17
C ALA A 294 -12.03 -27.78 14.91
N TYR A 295 -12.61 -26.59 14.70
CA TYR A 295 -13.87 -26.24 15.35
C TYR A 295 -15.01 -27.18 14.91
N MET A 296 -15.11 -27.41 13.60
CA MET A 296 -16.16 -28.31 13.08
C MET A 296 -15.97 -29.74 13.55
N ASP A 297 -14.72 -30.20 13.61
CA ASP A 297 -14.41 -31.48 14.24
C ASP A 297 -14.77 -31.52 15.75
N LYS A 298 -14.31 -30.57 16.55
CA LYS A 298 -14.63 -30.59 18.00
C LYS A 298 -16.14 -30.50 18.28
N GLU A 299 -16.88 -29.70 17.51
CA GLU A 299 -18.32 -29.52 17.74
C GLU A 299 -19.17 -30.58 17.04
N GLY A 300 -18.55 -31.46 16.26
CA GLY A 300 -19.25 -32.56 15.60
C GLY A 300 -20.01 -32.20 14.33
N TYR A 301 -19.55 -31.18 13.60
CA TYR A 301 -20.17 -30.75 12.33
C TYR A 301 -19.52 -31.36 11.07
N SER A 302 -18.39 -32.06 11.24
CA SER A 302 -17.67 -32.67 10.11
C SER A 302 -18.03 -34.12 9.90
N SER A 308 -16.65 -33.23 3.97
CA SER A 308 -15.30 -32.73 4.24
C SER A 308 -14.97 -31.53 3.34
N ALA A 309 -15.33 -30.33 3.83
CA ALA A 309 -15.07 -29.07 3.13
C ALA A 309 -13.57 -28.80 2.97
N THR A 310 -13.23 -27.89 2.05
CA THR A 310 -11.84 -27.54 1.77
C THR A 310 -11.62 -26.05 2.06
N GLY A 311 -10.43 -25.54 1.73
CA GLY A 311 -10.10 -24.13 1.92
C GLY A 311 -10.89 -23.16 1.05
N ASP A 312 -11.34 -23.63 -0.13
CA ASP A 312 -12.12 -22.78 -1.04
C ASP A 312 -13.54 -22.44 -0.52
N ASP A 313 -14.15 -23.35 0.25
CA ASP A 313 -15.52 -23.14 0.83
C ASP A 313 -15.54 -22.07 1.93
N ALA A 314 -14.42 -21.95 2.64
CA ALA A 314 -14.11 -20.80 3.52
C ALA A 314 -13.98 -19.45 2.76
N ARG A 315 -13.86 -19.48 1.44
CA ARG A 315 -13.69 -18.29 0.63
C ARG A 315 -15.00 -17.55 0.40
N GLU A 316 -16.05 -18.30 0.10
CA GLU A 316 -17.30 -17.71 -0.38
C GLU A 316 -17.97 -16.78 0.66
N GLY A 317 -18.19 -15.53 0.27
CA GLY A 317 -18.81 -14.54 1.14
C GLY A 317 -17.84 -13.78 2.06
N LEU A 318 -16.56 -14.13 2.01
CA LEU A 318 -15.58 -13.57 2.93
C LEU A 318 -15.14 -12.20 2.51
N ILE A 319 -15.14 -11.28 3.46
CA ILE A 319 -14.30 -10.07 3.34
C ILE A 319 -13.31 -10.02 4.48
N ALA A 320 -12.02 -9.85 4.16
CA ALA A 320 -10.99 -9.76 5.17
C ALA A 320 -9.97 -8.74 4.79
N VAL A 321 -9.36 -8.17 5.81
CA VAL A 321 -8.20 -7.31 5.66
C VAL A 321 -7.10 -7.86 6.54
N VAL A 322 -5.91 -8.02 5.96
CA VAL A 322 -4.77 -8.50 6.68
C VAL A 322 -3.71 -7.42 6.54
N SER A 323 -3.25 -6.88 7.65
CA SER A 323 -2.28 -5.82 7.63
C SER A 323 -1.13 -6.18 8.56
N VAL A 324 0.07 -6.31 7.99
CA VAL A 324 1.25 -6.65 8.74
C VAL A 324 2.23 -5.50 8.77
N LYS A 325 3.04 -5.44 9.84
CA LYS A 325 4.05 -4.42 10.03
C LYS A 325 5.38 -5.13 10.25
N VAL A 326 6.33 -4.90 9.36
CA VAL A 326 7.50 -5.73 9.28
C VAL A 326 8.72 -4.83 9.14
N PRO A 327 9.71 -5.00 10.04
CA PRO A 327 11.00 -4.32 9.96
C PRO A 327 11.71 -4.34 8.58
N ASP A 328 11.91 -5.51 7.97
CA ASP A 328 12.52 -5.61 6.62
C ASP A 328 11.80 -6.61 5.72
N PRO A 329 10.70 -6.20 5.14
CA PRO A 329 10.00 -7.14 4.28
C PRO A 329 10.73 -7.34 2.96
N LYS A 330 10.31 -8.36 2.22
CA LYS A 330 10.87 -8.73 0.91
C LYS A 330 9.77 -8.75 -0.18
N PHE A 331 9.87 -7.87 -1.17
CA PHE A 331 8.94 -7.85 -2.32
C PHE A 331 9.62 -8.21 -3.65
N SER A 332 8.86 -8.81 -4.57
CA SER A 332 9.41 -9.26 -5.84
C SER A 332 9.68 -8.12 -6.83
N SER A 333 9.31 -6.87 -6.49
CA SER A 333 9.37 -5.76 -7.49
C SER A 333 9.28 -4.37 -6.86
N GLN A 334 9.67 -3.33 -7.57
CA GLN A 334 9.45 -1.96 -7.09
C GLN A 334 7.98 -1.64 -6.87
N THR A 335 7.10 -2.22 -7.66
CA THR A 335 5.68 -1.96 -7.46
C THR A 335 5.06 -2.69 -6.25
N LYS A 336 5.73 -3.72 -5.71
CA LYS A 336 5.38 -4.35 -4.42
C LYS A 336 4.02 -4.99 -4.44
N ASP A 337 3.73 -5.61 -5.57
CA ASP A 337 2.50 -6.38 -5.77
C ASP A 337 2.49 -7.69 -4.97
N LYS A 338 3.64 -8.21 -4.61
CA LYS A 338 3.65 -9.49 -3.90
C LYS A 338 4.70 -9.57 -2.81
N LEU A 339 4.30 -10.04 -1.64
CA LEU A 339 5.17 -10.19 -0.46
C LEU A 339 5.79 -11.56 -0.45
N VAL A 340 7.12 -11.61 -0.44
CA VAL A 340 7.84 -12.89 -0.52
C VAL A 340 8.73 -13.10 0.72
N SER A 341 8.18 -12.86 1.92
CA SER A 341 8.90 -13.01 3.22
C SER A 341 8.35 -14.20 4.01
N SER A 342 9.13 -15.27 4.11
CA SER A 342 8.62 -16.54 4.72
C SER A 342 8.24 -16.42 6.20
N GLU A 343 8.96 -15.62 6.97
CA GLU A 343 8.60 -15.50 8.38
C GLU A 343 7.25 -14.77 8.64
N VAL A 344 6.75 -13.98 7.66
CA VAL A 344 5.44 -13.36 7.80
C VAL A 344 4.34 -14.42 7.67
N LYS A 345 4.56 -15.43 6.81
CA LYS A 345 3.58 -16.52 6.72
C LYS A 345 3.39 -17.12 8.11
N SER A 346 4.47 -17.37 8.84
CA SER A 346 4.37 -18.03 10.15
C SER A 346 3.79 -17.15 11.22
N ALA A 347 4.17 -15.88 11.26
CA ALA A 347 3.58 -14.95 12.23
C ALA A 347 2.05 -14.82 12.07
N VAL A 348 1.57 -14.70 10.85
CA VAL A 348 0.13 -14.52 10.60
C VAL A 348 -0.64 -15.79 10.94
N GLU A 349 -0.12 -16.91 10.44
CA GLU A 349 -0.69 -18.22 10.71
C GLU A 349 -0.83 -18.46 12.20
N GLN A 350 0.25 -18.25 12.94
CA GLN A 350 0.24 -18.48 14.39
C GLN A 350 -0.73 -17.58 15.13
N GLN A 351 -0.74 -16.28 14.82
CA GLN A 351 -1.62 -15.34 15.52
C GLN A 351 -3.07 -15.63 15.18
N MET A 352 -3.36 -15.89 13.92
CA MET A 352 -4.72 -16.23 13.50
C MET A 352 -5.23 -17.50 14.18
N ASN A 353 -4.43 -18.57 14.18
CA ASN A 353 -4.89 -19.84 14.79
C ASN A 353 -5.33 -19.62 16.24
N GLU A 354 -4.52 -18.91 17.02
CA GLU A 354 -4.85 -18.65 18.40
C GLU A 354 -6.09 -17.73 18.56
N LEU A 355 -6.12 -16.60 17.86
CA LEU A 355 -7.18 -15.63 18.13
C LEU A 355 -8.48 -15.97 17.45
N LEU A 356 -8.44 -16.56 16.27
CA LEU A 356 -9.69 -17.02 15.64
C LEU A 356 -10.39 -18.15 16.43
N ALA A 357 -9.62 -19.03 17.06
CA ALA A 357 -10.23 -20.08 17.88
C ALA A 357 -10.93 -19.50 19.12
N GLU A 358 -10.32 -18.51 19.73
CA GLU A 358 -10.92 -17.80 20.85
C GLU A 358 -12.21 -17.11 20.39
N TYR A 359 -12.16 -16.43 19.24
CA TYR A 359 -13.33 -15.75 18.69
C TYR A 359 -14.50 -16.71 18.56
N LEU A 360 -14.26 -17.89 18.00
CA LEU A 360 -15.34 -18.86 17.78
C LEU A 360 -15.91 -19.38 19.09
N LEU A 361 -15.04 -19.57 20.08
CA LEU A 361 -15.51 -19.92 21.44
C LEU A 361 -16.29 -18.79 22.12
N GLU A 362 -15.86 -17.55 21.95
CA GLU A 362 -16.48 -16.42 22.63
C GLU A 362 -17.76 -15.95 21.94
N ASN A 363 -17.97 -16.33 20.68
CA ASN A 363 -19.13 -15.87 19.92
C ASN A 363 -19.86 -17.04 19.28
N PRO A 364 -20.52 -17.89 20.09
CA PRO A 364 -21.13 -19.11 19.58
C PRO A 364 -22.18 -18.90 18.47
N THR A 365 -22.93 -17.81 18.54
CA THR A 365 -23.96 -17.54 17.51
C THR A 365 -23.31 -17.27 16.16
N ASP A 366 -22.27 -16.45 16.14
CA ASP A 366 -21.57 -16.18 14.90
C ASP A 366 -20.92 -17.46 14.35
N ALA A 367 -20.30 -18.23 15.23
CA ALA A 367 -19.62 -19.49 14.84
C ALA A 367 -20.58 -20.45 14.15
N LYS A 368 -21.76 -20.59 14.72
CA LYS A 368 -22.77 -21.48 14.14
C LYS A 368 -23.22 -20.99 12.75
N ILE A 369 -23.35 -19.68 12.59
CA ILE A 369 -23.76 -19.13 11.31
C ILE A 369 -22.66 -19.36 10.27
N VAL A 370 -21.41 -19.10 10.65
CA VAL A 370 -20.30 -19.28 9.73
C VAL A 370 -20.15 -20.77 9.30
N VAL A 371 -20.30 -21.69 10.24
CA VAL A 371 -20.26 -23.13 9.93
C VAL A 371 -21.36 -23.45 8.91
N GLY A 372 -22.56 -22.93 9.14
CA GLY A 372 -23.68 -23.12 8.20
C GLY A 372 -23.32 -22.66 6.79
N LYS A 373 -22.65 -21.52 6.70
CA LYS A 373 -22.28 -20.93 5.42
C LYS A 373 -21.26 -21.78 4.68
N ILE A 374 -20.25 -22.24 5.41
CA ILE A 374 -19.24 -23.16 4.88
C ILE A 374 -19.86 -24.46 4.36
N ILE A 375 -20.74 -25.04 5.16
CA ILE A 375 -21.41 -26.24 4.73
C ILE A 375 -22.22 -25.96 3.46
N ASP A 376 -22.97 -24.86 3.42
CA ASP A 376 -23.75 -24.52 2.22
C ASP A 376 -22.90 -24.28 0.98
N ALA A 377 -21.73 -23.64 1.16
CA ALA A 377 -20.81 -23.49 0.05
C ALA A 377 -20.37 -24.86 -0.49
N ALA A 378 -19.98 -25.78 0.40
CA ALA A 378 -19.59 -27.15 0.03
C ALA A 378 -20.70 -27.89 -0.69
N ARG A 379 -21.92 -27.80 -0.17
CA ARG A 379 -23.07 -28.42 -0.83
C ARG A 379 -23.26 -27.89 -2.29
N ALA A 380 -23.13 -26.59 -2.48
CA ALA A 380 -23.28 -26.00 -3.82
C ALA A 380 -22.14 -26.42 -4.77
N ARG A 381 -20.92 -26.47 -4.26
CA ARG A 381 -19.77 -26.94 -5.02
C ARG A 381 -19.94 -28.38 -5.51
N GLU A 382 -20.37 -29.28 -4.62
CA GLU A 382 -20.59 -30.66 -5.01
C GLU A 382 -21.72 -30.81 -6.05
N ALA A 383 -22.77 -29.99 -5.97
CA ALA A 383 -23.87 -30.08 -6.94
C ALA A 383 -23.43 -29.56 -8.32
N ALA A 384 -22.62 -28.52 -8.34
CA ALA A 384 -22.05 -28.04 -9.60
C ALA A 384 -21.21 -29.10 -10.28
N ARG A 385 -20.43 -29.80 -9.48
CA ARG A 385 -19.53 -30.83 -9.99
C ARG A 385 -20.31 -31.98 -10.62
N ARG A 386 -21.27 -32.54 -9.90
CA ARG A 386 -22.13 -33.61 -10.40
C ARG A 386 -22.87 -33.23 -11.70
N ALA A 387 -23.37 -32.00 -11.73
CA ALA A 387 -24.04 -31.45 -12.91
C ALA A 387 -23.12 -31.37 -14.13
N ARG A 388 -21.89 -30.88 -13.92
CA ARG A 388 -20.87 -30.85 -14.98
CA ARG A 388 -20.88 -30.84 -14.98
C ARG A 388 -20.63 -32.24 -15.54
N GLU A 389 -20.24 -33.17 -14.65
CA GLU A 389 -19.98 -34.57 -15.03
C GLU A 389 -21.06 -35.16 -15.92
N MET A 390 -22.31 -34.80 -15.63
CA MET A 390 -23.46 -35.40 -16.31
C MET A 390 -23.84 -34.79 -17.66
N THR A 391 -23.17 -33.73 -18.12
CA THR A 391 -23.50 -33.17 -19.46
C THR A 391 -22.67 -33.77 -20.60
PG ANP B . 11.24 2.93 -1.95
O1G ANP B . 11.96 2.89 -3.20
O2G ANP B . 10.06 3.93 -2.03
O3G ANP B . 10.67 1.51 -1.57
PB ANP B . 12.47 4.92 -0.17
O1B ANP B . 13.51 4.97 0.85
O2B ANP B . 11.12 5.50 0.34
N3B ANP B . 12.24 3.41 -0.74
PA ANP B . 12.43 7.10 -2.09
O1A ANP B . 10.99 7.02 -2.23
O2A ANP B . 13.26 7.34 -3.38
O3A ANP B . 12.91 5.70 -1.48
O5' ANP B . 12.73 8.10 -0.87
C5' ANP B . 14.14 8.24 -0.57
C4' ANP B . 14.29 8.84 0.81
O4' ANP B . 13.83 10.22 0.78
C3' ANP B . 13.46 8.20 1.91
O3' ANP B . 14.00 6.97 2.41
C2' ANP B . 13.44 9.33 2.96
O2' ANP B . 14.66 9.34 3.67
C1' ANP B . 13.32 10.57 2.06
N9 ANP B . 11.97 11.11 1.88
C8 ANP B . 11.22 10.99 0.74
N7 ANP B . 10.03 11.53 0.83
C5 ANP B . 9.99 12.06 2.12
C6 ANP B . 9.04 12.83 2.82
N6 ANP B . 7.86 13.18 2.32
N1 ANP B . 9.37 13.26 4.05
C2 ANP B . 10.58 12.95 4.54
N3 ANP B . 11.55 12.22 3.99
C4 ANP B . 11.19 11.80 2.77
MG MG C . 9.60 5.70 -1.13
NA NA D . 14.20 0.17 7.29
CL CL E . 19.82 17.99 7.36
#